data_1ZRE
#
_entry.id   1ZRE
#
_cell.length_a   61.352
_cell.length_b   75.566
_cell.length_c   179.979
_cell.angle_alpha   90
_cell.angle_beta   90
_cell.angle_gamma   90
#
_symmetry.space_group_name_H-M   'P 21 21 21'
#
loop_
_entity.id
_entity.type
_entity.pdbx_description
1 polymer "5'-D(*AP*TP*TP*TP*CP*GP*AP*AP*AP*AP*AP*TP*GP*GP*GP*AP*T)-3'"
2 polymer "5'-D(*CP*TP*AP*GP*AP*TP*CP*CP*CP*AP*TP*TP*TP*TP*TP*CP*GP*AP*AP*AP*T)-3'"
3 polymer 'Catabolite gene activator'
4 non-polymer "ADENOSINE-3',5'-CYCLIC-MONOPHOSPHATE"
5 water water
#
loop_
_entity_poly.entity_id
_entity_poly.type
_entity_poly.pdbx_seq_one_letter_code
_entity_poly.pdbx_strand_id
1 'polydeoxyribonucleotide' (DA)(DT)(DT)(DT)(DC)(DG)(DA)(DA)(DA)(DA)(DA)(DT)(DG)(DG)(DG)(DA)(DT) W,Y
2 'polydeoxyribonucleotide'
;(DC)(DT)(DA)(DG)(DA)(DT)(DC)(DC)(DC)(DA)(DT)(DT)(DT)(DT)(DT)(DC)(DG)(DA)(DA)(DA)
(DT)
;
X,Z
3 'polypeptide(L)'
;VLGKPQTDPTLEWFLSHCHIHKYPSKSTLIHQGEKAETLYYIVKGSVAVLIKDEEGKEMILSYLNQGDFIGELGLFEEGQ
ERSAWVRAKTACEVAEISYKKFRQLIQVNPDILMRLSAQMARRLQVTSEKVGNLAFLDVTGRIAQTLLNLAKQPDAMTHP
DGMQIKITRQEIGQIVGCSRETVGRILKMLEDQNLISAHGKTIVVYGTR
;
A,B
#
# COMPACT_ATOMS: atom_id res chain seq x y z
N ASP E 8 -8.27 -9.82 -25.07
CA ASP E 8 -9.21 -8.78 -25.58
C ASP E 8 -8.49 -7.81 -26.52
N PRO E 9 -9.26 -7.14 -27.40
CA PRO E 9 -8.70 -6.18 -28.36
C PRO E 9 -7.77 -5.17 -27.72
N THR E 10 -8.37 -4.29 -26.89
CA THR E 10 -7.64 -3.25 -26.20
C THR E 10 -6.23 -3.66 -25.74
N LEU E 11 -6.07 -4.93 -25.38
CA LEU E 11 -4.76 -5.41 -24.95
C LEU E 11 -3.84 -5.56 -26.15
N GLU E 12 -4.26 -6.40 -27.11
CA GLU E 12 -3.47 -6.63 -28.31
C GLU E 12 -3.14 -5.32 -29.02
N TRP E 13 -3.97 -4.32 -28.76
CA TRP E 13 -3.77 -3.01 -29.34
C TRP E 13 -2.67 -2.34 -28.52
N PHE E 14 -2.85 -2.32 -27.21
CA PHE E 14 -1.88 -1.75 -26.30
C PHE E 14 -0.48 -2.34 -26.56
N LEU E 15 -0.41 -3.66 -26.59
CA LEU E 15 0.85 -4.36 -26.83
C LEU E 15 1.50 -4.02 -28.15
N SER E 16 0.70 -3.57 -29.11
CA SER E 16 1.23 -3.25 -30.43
C SER E 16 2.04 -1.97 -30.38
N HIS E 17 1.83 -1.17 -29.34
CA HIS E 17 2.57 0.08 -29.21
C HIS E 17 3.68 -0.11 -28.20
N CYS E 18 3.84 -1.32 -27.69
CA CYS E 18 4.88 -1.57 -26.72
C CYS E 18 6.09 -2.24 -27.32
N HIS E 19 7.22 -2.08 -26.64
CA HIS E 19 8.50 -2.67 -27.04
C HIS E 19 8.66 -3.89 -26.14
N ILE E 20 8.68 -5.08 -26.71
CA ILE E 20 8.81 -6.27 -25.87
C ILE E 20 10.26 -6.62 -25.50
N HIS E 21 10.44 -7.05 -24.25
CA HIS E 21 11.75 -7.44 -23.75
C HIS E 21 11.65 -8.75 -23.00
N LYS E 22 12.78 -9.44 -22.92
CA LYS E 22 12.83 -10.70 -22.21
C LYS E 22 13.92 -10.59 -21.15
N TYR E 23 13.65 -11.16 -19.98
CA TYR E 23 14.60 -11.17 -18.87
C TYR E 23 14.76 -12.58 -18.30
N PRO E 24 16.00 -13.03 -18.12
CA PRO E 24 16.18 -14.38 -17.56
C PRO E 24 15.77 -14.33 -16.07
N SER E 25 15.35 -15.45 -15.49
CA SER E 25 14.98 -15.42 -14.09
C SER E 25 16.12 -14.81 -13.26
N LYS E 26 15.78 -14.20 -12.13
CA LYS E 26 16.73 -13.56 -11.20
C LYS E 26 17.32 -12.24 -11.67
N SER E 27 17.07 -11.87 -12.93
CA SER E 27 17.58 -10.61 -13.44
C SER E 27 16.75 -9.48 -12.82
N THR E 28 17.27 -8.28 -12.90
CA THR E 28 16.62 -7.11 -12.33
C THR E 28 15.86 -6.36 -13.42
N LEU E 29 14.59 -6.04 -13.18
CA LEU E 29 13.82 -5.30 -14.19
C LEU E 29 13.74 -3.83 -13.80
N ILE E 30 13.51 -3.59 -12.52
CA ILE E 30 13.43 -2.22 -12.03
C ILE E 30 14.41 -2.03 -10.85
N HIS E 31 15.13 -0.91 -10.87
CA HIS E 31 16.07 -0.58 -9.82
C HIS E 31 15.44 0.49 -8.95
N GLN E 32 15.27 0.18 -7.67
CA GLN E 32 14.71 1.15 -6.76
C GLN E 32 15.63 2.35 -6.76
N GLY E 33 15.06 3.53 -6.82
CA GLY E 33 15.87 4.73 -6.80
C GLY E 33 16.01 5.46 -8.11
N GLU E 34 16.00 4.73 -9.23
CA GLU E 34 16.14 5.36 -10.53
C GLU E 34 14.92 6.15 -10.94
N LYS E 35 15.09 6.94 -12.02
CA LYS E 35 14.01 7.76 -12.55
C LYS E 35 12.96 6.94 -13.26
N ALA E 36 11.71 7.15 -12.89
CA ALA E 36 10.60 6.42 -13.50
C ALA E 36 10.10 7.14 -14.74
N GLU E 37 10.24 6.52 -15.91
CA GLU E 37 9.76 7.12 -17.15
C GLU E 37 9.20 6.02 -18.06
N THR E 38 9.07 4.82 -17.52
CA THR E 38 8.59 3.70 -18.31
C THR E 38 7.56 2.85 -17.60
N LEU E 39 6.60 2.38 -18.38
CA LEU E 39 5.57 1.51 -17.86
C LEU E 39 5.88 0.09 -18.34
N TYR E 40 5.67 -0.87 -17.45
CA TYR E 40 5.92 -2.29 -17.75
C TYR E 40 4.63 -3.12 -17.71
N TYR E 41 4.56 -4.15 -18.56
CA TYR E 41 3.39 -5.02 -18.58
C TYR E 41 3.86 -6.45 -18.73
N ILE E 42 3.61 -7.29 -17.73
CA ILE E 42 4.06 -8.67 -17.83
C ILE E 42 3.21 -9.52 -18.77
N VAL E 43 3.80 -9.90 -19.90
CA VAL E 43 3.12 -10.74 -20.90
C VAL E 43 3.22 -12.20 -20.51
N LYS E 44 4.36 -12.59 -19.96
CA LYS E 44 4.59 -13.97 -19.53
C LYS E 44 5.68 -14.02 -18.44
N GLY E 45 5.42 -14.81 -17.42
CA GLY E 45 6.37 -14.94 -16.34
C GLY E 45 5.87 -14.28 -15.08
N SER E 46 6.70 -14.25 -14.05
CA SER E 46 6.33 -13.60 -12.80
C SER E 46 7.55 -12.91 -12.16
N VAL E 47 7.29 -11.87 -11.39
CA VAL E 47 8.40 -11.15 -10.76
C VAL E 47 8.13 -10.98 -9.28
N ALA E 48 9.09 -10.39 -8.58
CA ALA E 48 8.96 -10.11 -7.15
C ALA E 48 9.25 -8.61 -6.90
N VAL E 49 8.33 -7.94 -6.23
CA VAL E 49 8.54 -6.55 -5.90
C VAL E 49 9.16 -6.53 -4.52
N LEU E 50 10.32 -5.88 -4.37
CA LEU E 50 10.89 -5.84 -3.05
C LEU E 50 11.69 -4.60 -2.73
N ILE E 51 11.75 -4.25 -1.45
CA ILE E 51 12.52 -3.10 -1.02
C ILE E 51 13.63 -3.52 -0.08
N LYS E 52 14.74 -2.78 -0.10
CA LYS E 52 15.92 -3.08 0.73
C LYS E 52 16.18 -2.07 1.85
N ASP E 53 16.84 -2.53 2.91
CA ASP E 53 17.15 -1.64 4.03
C ASP E 53 18.57 -1.11 3.83
N GLU E 54 19.04 -0.30 4.76
CA GLU E 54 20.38 0.28 4.68
C GLU E 54 21.50 -0.78 4.53
N GLU E 55 21.36 -1.91 5.23
CA GLU E 55 22.35 -2.98 5.18
C GLU E 55 22.10 -4.01 4.06
N GLY E 56 21.08 -3.80 3.24
CA GLY E 56 20.83 -4.73 2.17
C GLY E 56 19.72 -5.74 2.39
N LYS E 57 19.20 -5.80 3.62
CA LYS E 57 18.11 -6.71 3.94
C LYS E 57 16.91 -6.47 3.03
N GLU E 58 16.35 -7.55 2.50
CA GLU E 58 15.22 -7.47 1.59
C GLU E 58 13.84 -7.80 2.18
N MET E 59 12.84 -7.06 1.72
CA MET E 59 11.45 -7.22 2.13
C MET E 59 10.60 -7.38 0.86
N ILE E 60 9.99 -8.55 0.70
CA ILE E 60 9.17 -8.80 -0.48
C ILE E 60 7.81 -8.16 -0.22
N LEU E 61 7.41 -7.26 -1.11
CA LEU E 61 6.14 -6.54 -0.98
C LEU E 61 5.06 -7.26 -1.74
N SER E 62 5.45 -7.93 -2.81
CA SER E 62 4.48 -8.60 -3.62
C SER E 62 5.07 -9.38 -4.77
N TYR E 63 4.33 -10.38 -5.24
CA TYR E 63 4.72 -11.16 -6.39
C TYR E 63 3.73 -10.63 -7.43
N LEU E 64 4.20 -10.41 -8.65
CA LEU E 64 3.32 -9.96 -9.71
C LEU E 64 3.48 -10.96 -10.85
N ASN E 65 2.41 -11.15 -11.62
CA ASN E 65 2.42 -12.12 -12.71
C ASN E 65 1.89 -11.58 -14.02
N GLN E 66 1.55 -12.54 -14.88
CA GLN E 66 1.00 -12.28 -16.19
C GLN E 66 -0.22 -11.37 -16.08
N GLY E 67 -0.30 -10.38 -16.95
CA GLY E 67 -1.44 -9.49 -16.90
C GLY E 67 -1.21 -8.32 -15.98
N ASP E 68 -0.19 -8.40 -15.13
CA ASP E 68 0.09 -7.31 -14.22
C ASP E 68 0.96 -6.22 -14.82
N PHE E 69 0.69 -4.99 -14.40
CA PHE E 69 1.44 -3.82 -14.82
C PHE E 69 2.57 -3.52 -13.82
N ILE E 70 3.74 -3.10 -14.30
CA ILE E 70 4.78 -2.75 -13.36
C ILE E 70 5.29 -1.35 -13.64
N GLY E 71 5.81 -0.69 -12.61
CA GLY E 71 6.32 0.66 -12.79
C GLY E 71 5.23 1.69 -12.99
N GLU E 72 4.06 1.48 -12.41
CA GLU E 72 2.99 2.45 -12.59
C GLU E 72 3.21 3.65 -11.74
N LEU E 73 3.57 3.43 -10.49
CA LEU E 73 3.73 4.51 -9.53
C LEU E 73 4.44 5.80 -9.95
N GLY E 74 5.13 5.79 -11.09
CA GLY E 74 5.81 7.00 -11.53
C GLY E 74 4.92 7.85 -12.42
N LEU E 75 4.17 7.18 -13.26
CA LEU E 75 3.27 7.78 -14.23
C LEU E 75 2.46 9.03 -13.85
N PHE E 76 1.95 9.09 -12.63
CA PHE E 76 1.10 10.21 -12.26
C PHE E 76 1.74 11.52 -11.83
N GLU E 77 3.05 11.61 -11.87
CA GLU E 77 3.70 12.84 -11.43
C GLU E 77 5.17 12.89 -11.83
N GLU E 78 5.63 14.11 -12.13
CA GLU E 78 7.00 14.33 -12.56
C GLU E 78 8.06 14.11 -11.48
N GLY E 79 9.24 13.69 -11.94
CA GLY E 79 10.39 13.47 -11.07
C GLY E 79 10.32 12.35 -10.06
N GLN E 80 9.45 11.37 -10.30
CA GLN E 80 9.31 10.25 -9.38
C GLN E 80 10.40 9.23 -9.65
N GLU E 81 10.83 8.54 -8.59
CA GLU E 81 11.84 7.52 -8.68
C GLU E 81 11.15 6.18 -8.45
N ARG E 82 11.74 5.09 -8.93
CA ARG E 82 11.16 3.76 -8.75
C ARG E 82 11.04 3.56 -7.25
N SER E 83 9.87 3.13 -6.79
CA SER E 83 9.64 2.93 -5.37
C SER E 83 10.20 1.64 -4.83
N ALA E 84 10.53 0.70 -5.71
CA ALA E 84 11.05 -0.58 -5.27
C ALA E 84 11.85 -1.32 -6.35
N TRP E 85 12.45 -2.43 -5.96
CA TRP E 85 13.20 -3.26 -6.90
C TRP E 85 12.22 -4.28 -7.46
N VAL E 86 12.44 -4.69 -8.71
CA VAL E 86 11.62 -5.72 -9.32
C VAL E 86 12.59 -6.72 -9.94
N ARG E 87 12.54 -7.95 -9.45
CA ARG E 87 13.43 -9.02 -9.88
C ARG E 87 12.56 -10.12 -10.45
N ALA E 88 13.02 -10.72 -11.54
CA ALA E 88 12.25 -11.79 -12.16
C ALA E 88 12.41 -13.11 -11.38
N LYS E 89 11.29 -13.82 -11.22
CA LYS E 89 11.31 -15.11 -10.54
C LYS E 89 11.54 -16.18 -11.61
N THR E 90 10.73 -16.10 -12.66
CA THR E 90 10.80 -17.00 -13.80
C THR E 90 11.34 -16.14 -14.93
N ALA E 91 11.61 -16.73 -16.08
CA ALA E 91 12.06 -15.92 -17.20
C ALA E 91 10.82 -15.11 -17.55
N CYS E 92 10.98 -13.89 -18.02
CA CYS E 92 9.82 -13.09 -18.33
C CYS E 92 9.83 -12.46 -19.69
N GLU E 93 8.63 -12.28 -20.22
CA GLU E 93 8.44 -11.62 -21.50
C GLU E 93 7.64 -10.39 -21.04
N VAL E 94 8.28 -9.23 -21.12
CA VAL E 94 7.65 -8.02 -20.65
C VAL E 94 7.48 -6.98 -21.74
N ALA E 95 6.31 -6.34 -21.78
CA ALA E 95 6.00 -5.29 -22.75
C ALA E 95 6.36 -3.95 -22.10
N GLU E 96 7.16 -3.13 -22.77
CA GLU E 96 7.57 -1.86 -22.19
C GLU E 96 7.09 -0.67 -22.99
N ILE E 97 6.80 0.42 -22.29
CA ILE E 97 6.29 1.61 -22.94
C ILE E 97 6.59 2.85 -22.09
N SER E 98 6.98 3.93 -22.74
CA SER E 98 7.29 5.14 -22.00
C SER E 98 6.01 5.73 -21.41
N TYR E 99 6.15 6.57 -20.40
CA TYR E 99 5.00 7.19 -19.79
C TYR E 99 4.35 8.06 -20.84
N LYS E 100 5.15 8.90 -21.49
CA LYS E 100 4.70 9.81 -22.53
C LYS E 100 3.79 9.09 -23.53
N LYS E 101 4.35 8.11 -24.22
CA LYS E 101 3.61 7.32 -25.20
C LYS E 101 2.34 6.73 -24.56
N PHE E 102 2.44 6.35 -23.29
CA PHE E 102 1.31 5.77 -22.57
C PHE E 102 0.21 6.80 -22.27
N ARG E 103 0.60 8.03 -21.96
CA ARG E 103 -0.38 9.07 -21.66
C ARG E 103 -1.20 9.32 -22.92
N GLN E 104 -0.58 9.10 -24.07
CA GLN E 104 -1.26 9.27 -25.35
C GLN E 104 -2.32 8.18 -25.54
N LEU E 105 -1.96 6.94 -25.28
CA LEU E 105 -2.90 5.84 -25.43
C LEU E 105 -4.08 5.94 -24.47
N ILE E 106 -3.85 6.51 -23.29
CA ILE E 106 -4.94 6.66 -22.33
C ILE E 106 -6.00 7.58 -22.90
N GLN E 107 -5.57 8.67 -23.53
CA GLN E 107 -6.48 9.63 -24.12
C GLN E 107 -7.32 9.08 -25.29
N VAL E 108 -6.79 8.11 -26.03
CA VAL E 108 -7.55 7.54 -27.14
C VAL E 108 -8.17 6.22 -26.74
N ASN E 109 -8.47 6.10 -25.45
CA ASN E 109 -9.10 4.91 -24.85
C ASN E 109 -8.62 4.80 -23.41
N PRO E 110 -9.19 5.62 -22.51
CA PRO E 110 -8.84 5.63 -21.09
C PRO E 110 -9.22 4.35 -20.36
N ASP E 111 -9.67 3.37 -21.13
CA ASP E 111 -10.08 2.09 -20.58
C ASP E 111 -8.85 1.33 -20.08
N ILE E 112 -7.71 1.61 -20.72
CA ILE E 112 -6.44 1.00 -20.37
C ILE E 112 -5.95 1.54 -19.03
N LEU E 113 -6.41 2.75 -18.69
CA LEU E 113 -6.05 3.41 -17.43
C LEU E 113 -6.96 2.81 -16.35
N MET E 114 -8.16 2.43 -16.76
CA MET E 114 -9.14 1.84 -15.86
C MET E 114 -8.56 0.55 -15.33
N ARG E 115 -7.95 -0.23 -16.21
CA ARG E 115 -7.37 -1.49 -15.80
C ARG E 115 -6.11 -1.29 -14.95
N LEU E 116 -5.38 -0.21 -15.23
CA LEU E 116 -4.18 0.12 -14.46
C LEU E 116 -4.66 0.43 -13.05
N SER E 117 -5.60 1.37 -12.96
CA SER E 117 -6.15 1.77 -11.68
C SER E 117 -6.76 0.61 -10.92
N ALA E 118 -7.37 -0.32 -11.65
CA ALA E 118 -7.97 -1.46 -11.04
C ALA E 118 -6.92 -2.28 -10.27
N GLN E 119 -5.74 -2.43 -10.88
CA GLN E 119 -4.64 -3.20 -10.26
C GLN E 119 -4.07 -2.46 -9.05
N MET E 120 -3.98 -1.15 -9.18
CA MET E 120 -3.46 -0.36 -8.10
C MET E 120 -4.37 -0.51 -6.89
N ALA E 121 -5.67 -0.32 -7.08
CA ALA E 121 -6.59 -0.44 -5.97
C ALA E 121 -6.37 -1.76 -5.24
N ARG E 122 -6.31 -2.85 -6.00
CA ARG E 122 -6.07 -4.16 -5.43
C ARG E 122 -4.77 -4.14 -4.62
N ARG E 123 -3.71 -3.60 -5.21
CA ARG E 123 -2.44 -3.53 -4.50
C ARG E 123 -2.51 -2.72 -3.21
N LEU E 124 -3.28 -1.65 -3.21
CA LEU E 124 -3.38 -0.88 -2.00
C LEU E 124 -4.06 -1.75 -0.94
N GLN E 125 -5.11 -2.47 -1.33
CA GLN E 125 -5.83 -3.36 -0.41
C GLN E 125 -4.87 -4.40 0.19
N VAL E 126 -4.13 -5.08 -0.68
CA VAL E 126 -3.19 -6.09 -0.24
C VAL E 126 -2.08 -5.53 0.64
N THR E 127 -1.56 -4.36 0.27
CA THR E 127 -0.47 -3.77 1.04
C THR E 127 -0.94 -3.23 2.38
N SER E 128 -2.16 -2.71 2.42
CA SER E 128 -2.71 -2.23 3.68
C SER E 128 -2.91 -3.45 4.60
N GLU E 129 -3.41 -4.54 4.03
CA GLU E 129 -3.61 -5.74 4.84
C GLU E 129 -2.28 -6.25 5.36
N LYS E 130 -1.23 -6.02 4.59
CA LYS E 130 0.09 -6.45 5.02
C LYS E 130 0.48 -5.60 6.24
N VAL E 131 0.19 -4.31 6.20
CA VAL E 131 0.50 -3.43 7.33
C VAL E 131 -0.18 -3.99 8.56
N GLY E 132 -1.44 -4.39 8.39
CA GLY E 132 -2.16 -4.96 9.50
C GLY E 132 -1.44 -6.16 10.08
N ASN E 133 -1.10 -7.10 9.22
CA ASN E 133 -0.42 -8.32 9.64
C ASN E 133 0.87 -8.06 10.39
N LEU E 134 1.66 -7.11 9.89
CA LEU E 134 2.93 -6.77 10.53
C LEU E 134 2.65 -6.15 11.88
N ALA E 135 1.58 -5.37 11.93
CA ALA E 135 1.20 -4.69 13.16
C ALA E 135 0.53 -5.61 14.16
N PHE E 136 -0.48 -6.35 13.72
CA PHE E 136 -1.25 -7.19 14.62
C PHE E 136 -0.93 -8.68 14.81
N LEU E 137 -0.14 -9.28 13.93
CA LEU E 137 0.16 -10.72 14.09
C LEU E 137 1.58 -11.04 14.44
N ASP E 138 1.75 -12.06 15.27
CA ASP E 138 3.10 -12.47 15.62
C ASP E 138 3.68 -13.34 14.47
N VAL E 139 4.97 -13.60 14.52
CA VAL E 139 5.62 -14.36 13.47
C VAL E 139 4.94 -15.68 13.09
N THR E 140 4.54 -16.48 14.08
CA THR E 140 3.88 -17.72 13.74
C THR E 140 2.65 -17.36 12.92
N GLY E 141 1.88 -16.40 13.41
CA GLY E 141 0.68 -15.98 12.69
C GLY E 141 0.98 -15.60 11.26
N ARG E 142 1.98 -14.73 11.09
CA ARG E 142 2.37 -14.27 9.76
C ARG E 142 2.84 -15.41 8.86
N ILE E 143 3.68 -16.29 9.41
CA ILE E 143 4.19 -17.42 8.65
C ILE E 143 3.08 -18.39 8.23
N ALA E 144 2.15 -18.67 9.13
CA ALA E 144 1.03 -19.56 8.81
C ALA E 144 0.26 -18.93 7.67
N GLN E 145 0.05 -17.62 7.80
CA GLN E 145 -0.66 -16.82 6.81
C GLN E 145 -0.02 -16.94 5.42
N THR E 146 1.30 -16.74 5.38
CA THR E 146 1.99 -16.80 4.11
C THR E 146 1.97 -18.16 3.44
N LEU E 147 2.16 -19.21 4.22
CA LEU E 147 2.15 -20.56 3.67
C LEU E 147 0.77 -20.84 3.02
N LEU E 148 -0.29 -20.35 3.66
CA LEU E 148 -1.64 -20.51 3.16
C LEU E 148 -1.84 -19.79 1.83
N ASN E 149 -1.31 -18.57 1.73
CA ASN E 149 -1.43 -17.80 0.50
C ASN E 149 -0.54 -18.40 -0.59
N LEU E 150 0.69 -18.73 -0.23
CA LEU E 150 1.59 -19.33 -1.22
C LEU E 150 0.92 -20.61 -1.69
N ALA E 151 0.33 -21.36 -0.78
CA ALA E 151 -0.31 -22.62 -1.14
C ALA E 151 -1.42 -22.49 -2.20
N LYS E 152 -1.84 -21.27 -2.48
CA LYS E 152 -2.89 -21.07 -3.47
C LYS E 152 -2.43 -20.38 -4.75
N GLN E 153 -1.22 -19.80 -4.73
CA GLN E 153 -0.70 -19.13 -5.91
C GLN E 153 -0.68 -20.04 -7.16
N PRO E 154 -0.52 -19.43 -8.35
CA PRO E 154 -0.50 -20.18 -9.61
C PRO E 154 0.57 -21.30 -9.69
N ASP E 155 1.76 -21.01 -9.19
CA ASP E 155 2.87 -21.94 -9.21
C ASP E 155 2.87 -23.04 -8.14
N ALA E 156 1.85 -23.10 -7.29
CA ALA E 156 1.80 -24.15 -6.26
C ALA E 156 1.46 -25.47 -6.93
N MET E 157 2.10 -26.55 -6.48
CA MET E 157 1.86 -27.85 -7.07
C MET E 157 0.85 -28.66 -6.29
N THR E 158 0.10 -29.49 -7.00
CA THR E 158 -0.89 -30.34 -6.35
C THR E 158 -0.11 -31.48 -5.69
N HIS E 159 -0.61 -31.94 -4.55
CA HIS E 159 0.05 -33.00 -3.81
C HIS E 159 -1.00 -33.93 -3.27
N PRO E 160 -0.68 -35.23 -3.17
CA PRO E 160 -1.72 -36.13 -2.65
C PRO E 160 -2.28 -35.70 -1.30
N ASP E 161 -1.45 -35.12 -0.45
CA ASP E 161 -1.87 -34.70 0.89
C ASP E 161 -2.23 -33.21 1.00
N GLY E 162 -2.27 -32.52 -0.14
CA GLY E 162 -2.60 -31.11 -0.13
C GLY E 162 -1.97 -30.33 -1.26
N MET E 163 -1.33 -29.22 -0.91
CA MET E 163 -0.68 -28.38 -1.89
C MET E 163 0.81 -28.23 -1.53
N GLN E 164 1.66 -28.31 -2.53
CA GLN E 164 3.12 -28.22 -2.33
C GLN E 164 3.76 -26.96 -2.90
N ILE E 165 4.64 -26.33 -2.12
CA ILE E 165 5.32 -25.13 -2.60
C ILE E 165 6.83 -25.24 -2.39
N LYS E 166 7.60 -24.51 -3.20
CA LYS E 166 9.06 -24.52 -3.07
C LYS E 166 9.46 -23.12 -2.64
N ILE E 167 10.17 -23.02 -1.52
CA ILE E 167 10.60 -21.72 -1.05
C ILE E 167 11.54 -21.90 0.12
N THR E 168 12.38 -20.91 0.33
CA THR E 168 13.35 -20.99 1.40
C THR E 168 12.89 -20.31 2.66
N ARG E 169 13.43 -20.76 3.79
CA ARG E 169 13.08 -20.16 5.06
C ARG E 169 13.46 -18.70 4.91
N GLN E 170 14.60 -18.48 4.27
CA GLN E 170 15.10 -17.14 4.04
C GLN E 170 14.11 -16.28 3.26
N GLU E 171 13.56 -16.83 2.19
CA GLU E 171 12.61 -16.03 1.45
C GLU E 171 11.32 -15.81 2.27
N ILE E 172 10.94 -16.79 3.09
CA ILE E 172 9.74 -16.62 3.89
C ILE E 172 9.92 -15.50 4.90
N GLY E 173 11.14 -15.37 5.41
CA GLY E 173 11.39 -14.31 6.38
C GLY E 173 11.33 -12.94 5.72
N GLN E 174 11.63 -12.89 4.42
CA GLN E 174 11.64 -11.64 3.69
C GLN E 174 10.23 -11.25 3.27
N ILE E 175 9.30 -12.16 3.50
CA ILE E 175 7.91 -11.92 3.20
C ILE E 175 7.21 -11.47 4.48
N VAL E 176 7.50 -12.12 5.60
CA VAL E 176 6.84 -11.79 6.86
C VAL E 176 7.60 -10.75 7.69
N GLY E 177 8.91 -10.70 7.53
CA GLY E 177 9.68 -9.71 8.27
C GLY E 177 10.30 -10.25 9.54
N CYS E 178 11.03 -11.34 9.44
CA CYS E 178 11.69 -11.93 10.60
C CYS E 178 12.94 -12.60 10.06
N SER E 179 13.86 -13.00 10.94
CA SER E 179 15.09 -13.65 10.50
C SER E 179 14.82 -15.06 9.96
N ARG E 180 15.72 -15.54 9.11
CA ARG E 180 15.55 -16.87 8.55
C ARG E 180 15.54 -17.91 9.68
N GLU E 181 16.38 -17.71 10.68
CA GLU E 181 16.48 -18.61 11.83
C GLU E 181 15.10 -18.87 12.47
N THR E 182 14.37 -17.78 12.71
CA THR E 182 13.05 -17.83 13.31
C THR E 182 12.09 -18.63 12.44
N VAL E 183 12.18 -18.44 11.12
CA VAL E 183 11.33 -19.19 10.21
C VAL E 183 11.59 -20.69 10.42
N GLY E 184 12.88 -21.05 10.42
CA GLY E 184 13.25 -22.42 10.62
C GLY E 184 12.65 -23.05 11.87
N ARG E 185 12.71 -22.33 12.99
CA ARG E 185 12.18 -22.90 14.22
C ARG E 185 10.65 -23.01 14.16
N ILE E 186 10.01 -21.97 13.65
CA ILE E 186 8.57 -21.98 13.55
C ILE E 186 8.11 -23.03 12.56
N LEU E 187 8.88 -23.20 11.49
CA LEU E 187 8.56 -24.19 10.48
C LEU E 187 8.54 -25.57 11.15
N LYS E 188 9.57 -25.84 11.95
CA LYS E 188 9.65 -27.11 12.64
C LYS E 188 8.50 -27.34 13.64
N MET E 189 7.99 -26.25 14.22
CA MET E 189 6.89 -26.36 15.17
C MET E 189 5.59 -26.61 14.41
N LEU E 190 5.45 -26.03 13.24
CA LEU E 190 4.24 -26.26 12.48
C LEU E 190 4.18 -27.75 12.08
N GLU E 191 5.33 -28.37 11.81
CA GLU E 191 5.34 -29.78 11.43
C GLU E 191 4.98 -30.60 12.67
N ASP E 192 5.47 -30.17 13.82
CA ASP E 192 5.16 -30.84 15.09
C ASP E 192 3.66 -30.94 15.29
N GLN E 193 2.93 -30.00 14.73
CA GLN E 193 1.48 -30.00 14.87
C GLN E 193 0.79 -30.51 13.61
N ASN E 194 1.48 -31.36 12.87
CA ASN E 194 0.99 -31.95 11.61
C ASN E 194 0.30 -30.99 10.68
N LEU E 195 0.77 -29.76 10.63
CA LEU E 195 0.18 -28.77 9.75
C LEU E 195 0.91 -28.76 8.39
N ILE E 196 2.21 -28.99 8.42
CA ILE E 196 2.98 -28.98 7.19
C ILE E 196 4.09 -30.01 7.25
N SER E 197 4.55 -30.42 6.08
CA SER E 197 5.67 -31.35 5.99
C SER E 197 6.73 -30.52 5.28
N ALA E 198 7.93 -30.52 5.81
CA ALA E 198 8.97 -29.72 5.19
C ALA E 198 10.27 -30.48 5.00
N HIS E 199 10.72 -30.55 3.76
CA HIS E 199 11.97 -31.21 3.45
C HIS E 199 12.67 -30.27 2.49
N GLY E 200 13.75 -29.65 2.97
CA GLY E 200 14.49 -28.73 2.14
C GLY E 200 13.58 -27.59 1.75
N LYS E 201 13.64 -27.19 0.49
CA LYS E 201 12.80 -26.10 -0.01
C LYS E 201 11.36 -26.59 -0.24
N THR E 202 11.16 -27.90 -0.14
CA THR E 202 9.82 -28.44 -0.35
C THR E 202 8.94 -28.43 0.90
N ILE E 203 7.87 -27.67 0.85
CA ILE E 203 6.96 -27.61 1.97
C ILE E 203 5.60 -28.04 1.51
N VAL E 204 5.04 -29.04 2.17
CA VAL E 204 3.72 -29.52 1.82
C VAL E 204 2.74 -28.96 2.85
N VAL E 205 1.76 -28.22 2.38
CA VAL E 205 0.75 -27.63 3.28
C VAL E 205 -0.47 -28.56 3.25
N TYR E 206 -0.71 -29.24 4.36
CA TYR E 206 -1.84 -30.15 4.43
C TYR E 206 -3.19 -29.44 4.24
N GLY E 207 -4.04 -30.01 3.39
CA GLY E 207 -5.34 -29.41 3.15
C GLY E 207 -6.39 -29.96 4.09
N ASP F 8 -9.72 24.57 -9.45
CA ASP F 8 -9.27 24.31 -10.85
C ASP F 8 -10.48 24.03 -11.73
N PRO F 9 -10.26 23.74 -13.02
CA PRO F 9 -11.35 23.46 -13.95
C PRO F 9 -12.09 22.14 -13.68
N THR F 10 -11.66 21.10 -14.38
CA THR F 10 -12.25 19.76 -14.27
C THR F 10 -12.82 19.39 -12.91
N LEU F 11 -11.95 19.04 -11.98
CA LEU F 11 -12.34 18.62 -10.63
C LEU F 11 -13.57 19.34 -10.08
N GLU F 12 -13.79 20.59 -10.48
CA GLU F 12 -14.95 21.33 -10.01
C GLU F 12 -16.22 20.61 -10.50
N TRP F 13 -16.41 20.62 -11.82
CA TRP F 13 -17.56 19.99 -12.47
C TRP F 13 -17.97 18.67 -11.82
N PHE F 14 -17.00 17.96 -11.25
CA PHE F 14 -17.23 16.68 -10.59
C PHE F 14 -18.19 16.84 -9.41
N LEU F 15 -17.82 17.73 -8.49
CA LEU F 15 -18.64 17.97 -7.31
C LEU F 15 -20.07 18.32 -7.68
N SER F 16 -20.29 18.68 -8.94
CA SER F 16 -21.60 19.05 -9.43
C SER F 16 -22.61 17.91 -9.37
N HIS F 17 -22.13 16.67 -9.34
CA HIS F 17 -23.03 15.52 -9.30
C HIS F 17 -22.95 14.79 -7.96
N CYS F 18 -22.09 15.28 -7.07
CA CYS F 18 -21.93 14.67 -5.75
C CYS F 18 -22.97 15.30 -4.82
N HIS F 19 -23.46 14.54 -3.85
CA HIS F 19 -24.46 15.05 -2.92
C HIS F 19 -23.81 15.42 -1.60
N ILE F 20 -23.04 16.50 -1.62
CA ILE F 20 -22.34 17.04 -0.45
C ILE F 20 -23.02 16.80 0.91
N HIS F 21 -22.22 16.42 1.91
CA HIS F 21 -22.72 16.17 3.26
C HIS F 21 -21.79 16.69 4.35
N LYS F 22 -22.26 16.65 5.59
CA LYS F 22 -21.50 17.13 6.74
C LYS F 22 -21.38 16.07 7.80
N TYR F 23 -20.16 15.83 8.24
CA TYR F 23 -19.92 14.84 9.27
C TYR F 23 -19.18 15.45 10.45
N PRO F 24 -19.79 15.35 11.64
CA PRO F 24 -19.14 15.90 12.84
C PRO F 24 -17.88 15.12 13.14
N SER F 25 -16.96 15.73 13.87
CA SER F 25 -15.73 15.05 14.24
C SER F 25 -16.12 13.79 15.01
N LYS F 26 -15.22 12.81 15.05
CA LYS F 26 -15.45 11.54 15.74
C LYS F 26 -16.43 10.61 15.02
N SER F 27 -17.21 11.13 14.07
CA SER F 27 -18.16 10.31 13.34
C SER F 27 -17.48 9.46 12.27
N THR F 28 -17.93 8.22 12.13
CA THR F 28 -17.32 7.31 11.17
C THR F 28 -18.04 7.37 9.83
N LEU F 29 -17.29 7.72 8.79
CA LEU F 29 -17.79 7.83 7.42
C LEU F 29 -17.87 6.50 6.70
N ILE F 30 -16.93 5.60 6.98
CA ILE F 30 -16.92 4.30 6.33
C ILE F 30 -16.68 3.19 7.34
N HIS F 31 -17.32 2.05 7.13
CA HIS F 31 -17.18 0.92 8.03
C HIS F 31 -16.57 -0.26 7.29
N GLN F 32 -15.47 -0.77 7.82
CA GLN F 32 -14.84 -1.91 7.20
C GLN F 32 -15.91 -2.99 7.05
N GLY F 33 -15.86 -3.72 5.92
CA GLY F 33 -16.80 -4.80 5.67
C GLY F 33 -18.14 -4.49 5.06
N GLU F 34 -18.46 -3.21 4.86
CA GLU F 34 -19.73 -2.85 4.25
C GLU F 34 -19.59 -3.05 2.75
N LYS F 35 -20.72 -3.00 2.05
CA LYS F 35 -20.71 -3.12 0.61
C LYS F 35 -20.31 -1.71 0.19
N ALA F 36 -19.37 -1.60 -0.74
CA ALA F 36 -18.91 -0.29 -1.21
C ALA F 36 -19.65 0.05 -2.49
N GLU F 37 -20.24 1.23 -2.54
CA GLU F 37 -20.96 1.66 -3.72
C GLU F 37 -20.87 3.16 -3.89
N THR F 38 -20.18 3.80 -2.96
CA THR F 38 -20.07 5.25 -3.02
C THR F 38 -18.62 5.74 -2.95
N LEU F 39 -18.32 6.72 -3.76
CA LEU F 39 -17.00 7.31 -3.78
C LEU F 39 -17.18 8.65 -3.08
N TYR F 40 -16.22 9.02 -2.23
CA TYR F 40 -16.29 10.29 -1.50
C TYR F 40 -15.17 11.24 -1.90
N TYR F 41 -15.33 12.51 -1.55
CA TYR F 41 -14.34 13.53 -1.85
C TYR F 41 -14.41 14.58 -0.76
N ILE F 42 -13.38 14.60 0.09
CA ILE F 42 -13.33 15.54 1.19
C ILE F 42 -13.19 16.97 0.67
N VAL F 43 -14.29 17.72 0.79
CA VAL F 43 -14.34 19.12 0.37
C VAL F 43 -13.64 19.98 1.43
N LYS F 44 -13.95 19.69 2.69
CA LYS F 44 -13.34 20.43 3.80
C LYS F 44 -13.21 19.51 5.02
N GLY F 45 -12.10 19.66 5.74
CA GLY F 45 -11.86 18.84 6.93
C GLY F 45 -10.81 17.76 6.75
N SER F 46 -10.76 16.80 7.65
CA SER F 46 -9.79 15.75 7.50
C SER F 46 -10.22 14.50 8.26
N VAL F 47 -9.91 13.35 7.67
CA VAL F 47 -10.27 12.06 8.25
C VAL F 47 -9.03 11.22 8.50
N ALA F 48 -9.21 10.16 9.28
CA ALA F 48 -8.16 9.23 9.59
C ALA F 48 -8.63 7.87 9.09
N VAL F 49 -7.79 7.18 8.33
CA VAL F 49 -8.13 5.85 7.82
C VAL F 49 -7.46 4.87 8.79
N LEU F 50 -8.21 3.93 9.31
CA LEU F 50 -7.65 3.00 10.27
C LEU F 50 -8.22 1.58 10.23
N ILE F 51 -7.48 0.65 10.81
CA ILE F 51 -7.88 -0.74 10.88
C ILE F 51 -7.72 -1.22 12.34
N LYS F 52 -8.27 -2.38 12.67
CA LYS F 52 -8.19 -2.91 14.05
C LYS F 52 -7.98 -4.41 14.07
N ASP F 53 -7.55 -4.94 15.20
CA ASP F 53 -7.38 -6.38 15.28
C ASP F 53 -8.68 -7.02 15.78
N GLU F 54 -8.60 -8.27 16.21
CA GLU F 54 -9.76 -8.99 16.72
C GLU F 54 -10.18 -8.52 18.11
N GLU F 55 -9.46 -7.53 18.64
CA GLU F 55 -9.74 -6.97 19.95
C GLU F 55 -9.99 -5.47 19.90
N GLY F 56 -10.31 -4.94 18.73
CA GLY F 56 -10.56 -3.52 18.62
C GLY F 56 -9.35 -2.61 18.70
N LYS F 57 -8.17 -3.16 18.92
CA LYS F 57 -6.94 -2.37 18.99
C LYS F 57 -6.76 -1.76 17.58
N GLU F 58 -6.64 -0.44 17.50
CA GLU F 58 -6.52 0.17 16.18
C GLU F 58 -5.19 0.76 15.73
N MET F 59 -4.94 0.66 14.42
CA MET F 59 -3.75 1.21 13.80
C MET F 59 -4.23 2.24 12.79
N ILE F 60 -3.51 3.35 12.70
CA ILE F 60 -3.85 4.40 11.75
C ILE F 60 -3.11 4.16 10.45
N LEU F 61 -3.83 3.94 9.35
CA LEU F 61 -3.17 3.69 8.07
C LEU F 61 -2.78 4.97 7.39
N SER F 62 -3.58 6.00 7.60
CA SER F 62 -3.31 7.28 6.97
C SER F 62 -4.30 8.33 7.38
N TYR F 63 -3.92 9.57 7.10
CA TYR F 63 -4.79 10.72 7.32
C TYR F 63 -5.09 11.22 5.91
N LEU F 64 -6.31 11.66 5.68
CA LEU F 64 -6.68 12.17 4.36
C LEU F 64 -7.23 13.55 4.62
N ASN F 65 -6.92 14.48 3.73
CA ASN F 65 -7.41 15.82 3.95
C ASN F 65 -8.24 16.34 2.80
N GLN F 66 -8.53 17.62 2.89
CA GLN F 66 -9.31 18.33 1.89
C GLN F 66 -8.72 18.16 0.50
N GLY F 67 -9.46 17.48 -0.37
CA GLY F 67 -8.97 17.27 -1.72
C GLY F 67 -8.76 15.82 -2.07
N ASP F 68 -8.64 14.94 -1.07
CA ASP F 68 -8.42 13.53 -1.34
C ASP F 68 -9.75 12.81 -1.55
N PHE F 69 -9.69 11.71 -2.31
CA PHE F 69 -10.85 10.89 -2.55
C PHE F 69 -10.92 9.86 -1.43
N ILE F 70 -12.09 9.30 -1.19
CA ILE F 70 -12.24 8.29 -0.15
C ILE F 70 -13.19 7.19 -0.60
N GLY F 71 -12.88 5.96 -0.22
CA GLY F 71 -13.71 4.82 -0.57
C GLY F 71 -13.67 4.49 -2.04
N GLU F 72 -12.48 4.62 -2.65
CA GLU F 72 -12.34 4.34 -4.07
C GLU F 72 -11.96 2.91 -4.37
N LEU F 73 -11.51 2.18 -3.36
CA LEU F 73 -11.07 0.82 -3.61
C LEU F 73 -12.10 -0.18 -4.10
N GLY F 74 -13.38 0.09 -3.85
CA GLY F 74 -14.42 -0.84 -4.28
C GLY F 74 -14.96 -0.51 -5.65
N LEU F 75 -14.47 0.57 -6.22
CA LEU F 75 -14.92 1.05 -7.51
C LEU F 75 -14.56 0.22 -8.76
N PHE F 76 -13.44 -0.51 -8.72
CA PHE F 76 -13.03 -1.23 -9.92
C PHE F 76 -13.48 -2.67 -10.07
N GLU F 77 -13.83 -3.31 -8.96
CA GLU F 77 -14.33 -4.67 -8.98
C GLU F 77 -15.68 -4.62 -8.30
N GLU F 78 -16.63 -5.38 -8.82
CA GLU F 78 -17.95 -5.36 -8.21
C GLU F 78 -17.97 -6.30 -7.01
N GLY F 79 -18.94 -6.09 -6.13
CA GLY F 79 -19.08 -6.92 -4.94
C GLY F 79 -17.96 -6.73 -3.92
N GLN F 80 -17.39 -5.54 -3.89
CA GLN F 80 -16.31 -5.21 -2.97
C GLN F 80 -16.80 -4.63 -1.64
N GLU F 81 -16.06 -4.90 -0.56
CA GLU F 81 -16.39 -4.39 0.76
C GLU F 81 -15.35 -3.37 1.20
N ARG F 82 -15.74 -2.51 2.14
CA ARG F 82 -14.86 -1.47 2.64
C ARG F 82 -13.62 -2.09 3.28
N SER F 83 -12.45 -1.63 2.83
CA SER F 83 -11.17 -2.15 3.30
C SER F 83 -10.73 -1.64 4.67
N ALA F 84 -11.35 -0.57 5.18
CA ALA F 84 -10.93 -0.05 6.47
C ALA F 84 -11.98 0.91 7.00
N TRP F 85 -11.74 1.44 8.19
CA TRP F 85 -12.68 2.39 8.77
C TRP F 85 -12.17 3.81 8.47
N VAL F 86 -13.09 4.73 8.23
CA VAL F 86 -12.70 6.11 7.98
C VAL F 86 -13.43 6.93 9.04
N ARG F 87 -12.66 7.57 9.91
CA ARG F 87 -13.24 8.38 10.97
C ARG F 87 -12.92 9.84 10.72
N ALA F 88 -13.80 10.74 11.15
CA ALA F 88 -13.56 12.16 10.94
C ALA F 88 -12.72 12.72 12.08
N LYS F 89 -11.53 13.23 11.76
CA LYS F 89 -10.68 13.81 12.78
C LYS F 89 -11.29 15.13 13.21
N THR F 90 -11.78 15.89 12.23
CA THR F 90 -12.38 17.18 12.48
C THR F 90 -13.77 17.13 11.93
N ALA F 91 -14.28 18.31 11.54
CA ALA F 91 -15.60 18.42 10.95
C ALA F 91 -15.38 18.27 9.45
N CYS F 92 -16.20 17.49 8.77
CA CYS F 92 -15.99 17.30 7.35
C CYS F 92 -17.15 17.65 6.44
N GLU F 93 -16.79 18.18 5.28
CA GLU F 93 -17.75 18.53 4.26
C GLU F 93 -17.34 17.54 3.18
N VAL F 94 -18.08 16.45 3.05
CA VAL F 94 -17.76 15.43 2.06
C VAL F 94 -18.75 15.23 0.93
N ALA F 95 -18.25 15.31 -0.29
CA ALA F 95 -19.06 15.10 -1.49
C ALA F 95 -19.35 13.60 -1.59
N GLU F 96 -20.45 13.24 -2.23
CA GLU F 96 -20.80 11.83 -2.36
C GLU F 96 -21.45 11.52 -3.68
N ILE F 97 -20.83 10.60 -4.42
CA ILE F 97 -21.38 10.19 -5.70
C ILE F 97 -21.30 8.69 -5.74
N SER F 98 -22.24 8.04 -6.43
CA SER F 98 -22.25 6.58 -6.50
C SER F 98 -21.24 6.08 -7.53
N TYR F 99 -20.79 4.85 -7.35
CA TYR F 99 -19.86 4.28 -8.29
C TYR F 99 -20.45 4.35 -9.71
N LYS F 100 -21.69 3.86 -9.86
CA LYS F 100 -22.39 3.89 -11.15
C LYS F 100 -22.31 5.28 -11.80
N LYS F 101 -22.66 6.30 -11.04
CA LYS F 101 -22.63 7.66 -11.59
C LYS F 101 -21.20 8.12 -11.83
N PHE F 102 -20.29 7.78 -10.92
CA PHE F 102 -18.90 8.19 -11.09
C PHE F 102 -18.30 7.56 -12.35
N ARG F 103 -18.59 6.27 -12.56
CA ARG F 103 -18.06 5.59 -13.74
C ARG F 103 -18.51 6.36 -14.97
N GLN F 104 -19.68 6.98 -14.87
CA GLN F 104 -20.25 7.77 -15.96
C GLN F 104 -19.46 9.07 -16.15
N LEU F 105 -19.23 9.80 -15.06
CA LEU F 105 -18.48 11.06 -15.15
C LEU F 105 -17.12 10.82 -15.77
N ILE F 106 -16.64 9.59 -15.69
CA ILE F 106 -15.35 9.23 -16.25
C ILE F 106 -15.42 9.27 -17.77
N GLN F 107 -16.51 8.73 -18.30
CA GLN F 107 -16.73 8.69 -19.74
C GLN F 107 -16.64 10.11 -20.28
N VAL F 108 -17.56 10.97 -19.86
CA VAL F 108 -17.56 12.34 -20.32
C VAL F 108 -16.17 12.96 -20.20
N ASN F 109 -15.54 12.81 -19.03
CA ASN F 109 -14.21 13.37 -18.78
C ASN F 109 -13.33 12.45 -17.93
N PRO F 110 -12.42 11.72 -18.58
CA PRO F 110 -11.49 10.77 -17.95
C PRO F 110 -10.41 11.41 -17.07
N ASP F 111 -10.21 12.71 -17.21
CA ASP F 111 -9.21 13.40 -16.41
C ASP F 111 -9.51 13.17 -14.93
N ILE F 112 -10.79 13.00 -14.60
CA ILE F 112 -11.17 12.77 -13.22
C ILE F 112 -10.72 11.39 -12.71
N LEU F 113 -10.61 10.42 -13.61
CA LEU F 113 -10.15 9.10 -13.21
C LEU F 113 -8.64 9.26 -12.97
N MET F 114 -8.00 10.04 -13.82
CA MET F 114 -6.57 10.27 -13.71
C MET F 114 -6.23 10.90 -12.35
N ARG F 115 -7.04 11.88 -11.93
CA ARG F 115 -6.83 12.55 -10.64
C ARG F 115 -6.86 11.53 -9.51
N LEU F 116 -7.84 10.64 -9.59
CA LEU F 116 -8.03 9.61 -8.59
C LEU F 116 -6.82 8.66 -8.58
N SER F 117 -6.48 8.16 -9.76
CA SER F 117 -5.36 7.24 -9.93
C SER F 117 -4.03 7.77 -9.40
N ALA F 118 -3.83 9.07 -9.55
CA ALA F 118 -2.62 9.72 -9.06
C ALA F 118 -2.63 9.55 -7.53
N GLN F 119 -3.75 9.90 -6.92
CA GLN F 119 -3.87 9.77 -5.49
C GLN F 119 -3.69 8.32 -5.05
N MET F 120 -4.13 7.39 -5.88
CA MET F 120 -3.99 5.99 -5.51
C MET F 120 -2.53 5.63 -5.51
N ALA F 121 -1.85 6.00 -6.61
CA ALA F 121 -0.42 5.73 -6.74
C ALA F 121 0.30 6.19 -5.48
N ARG F 122 0.03 7.43 -5.09
CA ARG F 122 0.64 8.01 -3.91
C ARG F 122 0.41 7.19 -2.66
N ARG F 123 -0.81 6.71 -2.46
CA ARG F 123 -1.09 5.90 -1.28
C ARG F 123 -0.36 4.57 -1.35
N LEU F 124 -0.15 4.06 -2.55
CA LEU F 124 0.57 2.82 -2.65
C LEU F 124 2.03 3.06 -2.24
N GLN F 125 2.59 4.19 -2.66
CA GLN F 125 3.97 4.53 -2.31
C GLN F 125 4.08 4.61 -0.79
N VAL F 126 3.23 5.45 -0.20
CA VAL F 126 3.22 5.63 1.26
C VAL F 126 3.00 4.34 2.05
N THR F 127 2.00 3.56 1.66
CA THR F 127 1.71 2.32 2.36
C THR F 127 2.88 1.34 2.27
N SER F 128 3.54 1.33 1.12
CA SER F 128 4.70 0.45 0.95
C SER F 128 5.83 0.90 1.88
N GLU F 129 6.04 2.22 1.92
CA GLU F 129 7.07 2.78 2.78
C GLU F 129 6.66 2.47 4.23
N LYS F 130 5.36 2.42 4.50
CA LYS F 130 4.95 2.11 5.85
C LYS F 130 5.32 0.64 6.14
N VAL F 131 5.20 -0.21 5.13
CA VAL F 131 5.55 -1.61 5.33
C VAL F 131 7.06 -1.76 5.53
N GLY F 132 7.82 -0.99 4.78
CA GLY F 132 9.26 -1.05 4.91
C GLY F 132 9.63 -0.62 6.31
N ASN F 133 9.01 0.47 6.77
CA ASN F 133 9.29 0.99 8.10
C ASN F 133 9.02 -0.06 9.19
N LEU F 134 7.88 -0.73 9.11
CA LEU F 134 7.51 -1.75 10.07
C LEU F 134 8.44 -2.95 10.04
N ALA F 135 9.21 -3.09 8.98
CA ALA F 135 10.07 -4.24 8.87
C ALA F 135 11.53 -3.94 8.99
N PHE F 136 11.89 -2.68 8.92
CA PHE F 136 13.30 -2.30 8.95
C PHE F 136 13.71 -1.39 10.10
N LEU F 137 12.78 -0.62 10.64
CA LEU F 137 13.15 0.29 11.71
C LEU F 137 12.59 -0.11 13.06
N ASP F 138 13.29 0.32 14.11
CA ASP F 138 12.88 0.07 15.48
C ASP F 138 11.87 1.19 15.78
N VAL F 139 11.22 1.14 16.95
CA VAL F 139 10.22 2.16 17.25
C VAL F 139 10.78 3.57 17.12
N THR F 140 11.97 3.78 17.67
CA THR F 140 12.58 5.10 17.60
C THR F 140 12.67 5.59 16.16
N GLY F 141 12.92 4.67 15.23
CA GLY F 141 12.98 5.06 13.84
C GLY F 141 11.61 5.42 13.30
N ARG F 142 10.63 4.58 13.58
CA ARG F 142 9.26 4.81 13.10
C ARG F 142 8.72 6.12 13.66
N ILE F 143 9.02 6.37 14.93
CA ILE F 143 8.56 7.58 15.54
C ILE F 143 9.19 8.81 14.87
N ALA F 144 10.51 8.78 14.65
CA ALA F 144 11.18 9.92 14.02
C ALA F 144 10.54 10.20 12.66
N GLN F 145 10.42 9.15 11.86
CA GLN F 145 9.81 9.26 10.54
C GLN F 145 8.36 9.79 10.60
N THR F 146 7.57 9.30 11.56
CA THR F 146 6.21 9.79 11.68
C THR F 146 6.21 11.27 12.10
N LEU F 147 7.16 11.68 12.96
CA LEU F 147 7.20 13.09 13.38
C LEU F 147 7.43 13.99 12.18
N LEU F 148 8.39 13.62 11.32
CA LEU F 148 8.64 14.38 10.11
C LEU F 148 7.37 14.38 9.25
N ASN F 149 6.80 13.19 9.06
CA ASN F 149 5.60 13.05 8.24
C ASN F 149 4.43 13.91 8.72
N LEU F 150 4.18 13.90 10.02
CA LEU F 150 3.10 14.70 10.58
C LEU F 150 3.37 16.19 10.31
N ALA F 151 4.65 16.53 10.25
CA ALA F 151 5.05 17.90 10.00
C ALA F 151 4.70 18.30 8.57
N LYS F 152 4.36 17.34 7.74
CA LYS F 152 4.00 17.62 6.35
C LYS F 152 2.48 17.74 6.18
N GLN F 153 1.73 17.39 7.23
CA GLN F 153 0.27 17.49 7.15
C GLN F 153 -0.17 18.95 6.99
N PRO F 154 -1.39 19.19 6.45
CA PRO F 154 -1.82 20.58 6.29
C PRO F 154 -2.28 21.27 7.58
N ASP F 155 -2.51 20.50 8.65
CA ASP F 155 -2.95 21.07 9.91
C ASP F 155 -1.80 21.28 10.90
N ALA F 156 -0.59 21.15 10.40
CA ALA F 156 0.61 21.34 11.21
C ALA F 156 1.00 22.81 11.07
N MET F 157 1.18 23.48 12.20
CA MET F 157 1.54 24.89 12.17
C MET F 157 3.03 25.12 11.99
N THR F 158 3.41 26.37 11.79
CA THR F 158 4.79 26.73 11.60
C THR F 158 5.43 27.13 12.94
N HIS F 159 6.75 27.08 12.97
CA HIS F 159 7.52 27.42 14.17
C HIS F 159 8.84 28.02 13.70
N PRO F 160 9.34 29.06 14.39
CA PRO F 160 10.60 29.68 13.99
C PRO F 160 11.77 28.69 14.08
N ASP F 161 11.60 27.63 14.86
CA ASP F 161 12.63 26.61 15.01
C ASP F 161 12.37 25.44 14.08
N GLY F 162 11.25 25.48 13.38
CA GLY F 162 10.91 24.40 12.46
C GLY F 162 9.44 24.27 12.16
N MET F 163 8.83 23.20 12.66
CA MET F 163 7.42 22.95 12.43
C MET F 163 6.78 22.43 13.71
N GLN F 164 5.51 22.77 13.90
CA GLN F 164 4.80 22.34 15.09
C GLN F 164 3.54 21.56 14.80
N ILE F 165 3.36 20.48 15.56
CA ILE F 165 2.20 19.62 15.40
C ILE F 165 1.54 19.41 16.74
N LYS F 166 0.25 19.08 16.73
CA LYS F 166 -0.48 18.83 17.96
C LYS F 166 -1.04 17.42 17.85
N ILE F 167 -0.46 16.52 18.63
CA ILE F 167 -0.87 15.12 18.63
C ILE F 167 -0.43 14.46 19.92
N THR F 168 -1.05 13.33 20.27
CA THR F 168 -0.71 12.64 21.51
C THR F 168 0.16 11.39 21.37
N ARG F 169 0.81 11.03 22.46
CA ARG F 169 1.65 9.85 22.51
C ARG F 169 0.79 8.63 22.23
N GLN F 170 -0.49 8.73 22.58
CA GLN F 170 -1.46 7.67 22.35
C GLN F 170 -1.65 7.46 20.83
N GLU F 171 -1.93 8.55 20.13
CA GLU F 171 -2.12 8.54 18.69
C GLU F 171 -0.88 8.01 17.99
N ILE F 172 0.27 8.62 18.28
CA ILE F 172 1.52 8.22 17.66
C ILE F 172 1.69 6.70 17.76
N GLY F 173 1.31 6.15 18.90
CA GLY F 173 1.44 4.71 19.08
C GLY F 173 0.62 3.94 18.08
N GLN F 174 -0.56 4.46 17.76
CA GLN F 174 -1.46 3.83 16.81
C GLN F 174 -0.98 3.98 15.36
N ILE F 175 -0.07 4.92 15.13
CA ILE F 175 0.46 5.14 13.80
C ILE F 175 1.72 4.29 13.59
N VAL F 176 2.58 4.21 14.60
CA VAL F 176 3.83 3.47 14.48
C VAL F 176 3.65 2.03 14.94
N GLY F 177 2.60 1.77 15.70
CA GLY F 177 2.36 0.43 16.18
C GLY F 177 3.17 0.05 17.41
N CYS F 178 3.10 0.87 18.45
CA CYS F 178 3.77 0.58 19.71
C CYS F 178 2.86 1.07 20.84
N SER F 179 3.36 1.06 22.08
CA SER F 179 2.57 1.53 23.21
C SER F 179 2.75 3.02 23.50
N ARG F 180 1.81 3.61 24.23
CA ARG F 180 1.91 5.03 24.59
C ARG F 180 3.10 5.19 25.55
N GLU F 181 3.32 4.19 26.39
CA GLU F 181 4.44 4.21 27.34
C GLU F 181 5.75 4.31 26.51
N THR F 182 5.86 3.47 25.50
CA THR F 182 7.04 3.44 24.64
C THR F 182 7.25 4.79 23.95
N VAL F 183 6.20 5.30 23.34
CA VAL F 183 6.25 6.58 22.65
C VAL F 183 6.79 7.66 23.60
N GLY F 184 6.22 7.71 24.80
CA GLY F 184 6.61 8.68 25.80
C GLY F 184 8.08 8.65 26.14
N ARG F 185 8.62 7.47 26.38
CA ARG F 185 10.03 7.33 26.70
C ARG F 185 10.89 7.91 25.57
N ILE F 186 10.61 7.44 24.36
CA ILE F 186 11.34 7.87 23.17
C ILE F 186 11.16 9.37 22.90
N LEU F 187 9.98 9.89 23.21
CA LEU F 187 9.70 11.31 22.99
C LEU F 187 10.56 12.14 23.93
N LYS F 188 10.75 11.61 25.13
CA LYS F 188 11.56 12.24 26.16
C LYS F 188 13.03 12.22 25.69
N MET F 189 13.50 11.06 25.24
CA MET F 189 14.87 10.91 24.75
C MET F 189 15.18 11.89 23.62
N LEU F 190 14.34 11.92 22.59
CA LEU F 190 14.56 12.79 21.45
C LEU F 190 14.67 14.24 21.91
N GLU F 191 14.08 14.55 23.07
CA GLU F 191 14.16 15.90 23.58
C GLU F 191 15.55 16.15 24.10
N ASP F 192 16.06 15.20 24.88
CA ASP F 192 17.39 15.31 25.45
C ASP F 192 18.47 15.44 24.37
N GLN F 193 18.03 15.46 23.11
CA GLN F 193 18.95 15.59 21.99
C GLN F 193 18.57 16.83 21.17
N ASN F 194 17.62 17.59 21.71
CA ASN F 194 17.12 18.81 21.09
C ASN F 194 16.70 18.56 19.64
N LEU F 195 16.05 17.43 19.39
CA LEU F 195 15.60 17.10 18.06
C LEU F 195 14.15 17.53 17.93
N ILE F 196 13.47 17.52 19.07
CA ILE F 196 12.07 17.90 19.12
C ILE F 196 11.85 18.63 20.44
N SER F 197 10.66 19.19 20.61
CA SER F 197 10.31 19.89 21.82
C SER F 197 8.97 19.30 22.26
N ALA F 198 8.93 18.68 23.43
CA ALA F 198 7.70 18.06 23.92
C ALA F 198 7.14 18.67 25.21
N HIS F 199 5.84 18.93 25.17
CA HIS F 199 5.10 19.48 26.31
C HIS F 199 3.61 19.43 25.99
N GLY F 200 2.95 18.39 26.53
CA GLY F 200 1.53 18.19 26.29
C GLY F 200 1.31 17.70 24.88
N LYS F 201 0.12 17.97 24.33
CA LYS F 201 -0.22 17.56 22.97
C LYS F 201 0.60 18.35 21.96
N THR F 202 1.39 19.30 22.44
CA THR F 202 2.18 20.13 21.55
C THR F 202 3.61 19.60 21.39
N ILE F 203 3.98 19.34 20.15
CA ILE F 203 5.31 18.84 19.83
C ILE F 203 5.93 19.68 18.75
N VAL F 204 7.18 20.09 18.96
CA VAL F 204 7.87 20.91 17.98
C VAL F 204 9.01 20.12 17.33
N VAL F 205 8.91 19.96 16.03
CA VAL F 205 9.91 19.22 15.29
C VAL F 205 10.89 20.23 14.67
N TYR F 206 12.12 20.19 15.15
CA TYR F 206 13.17 21.10 14.67
C TYR F 206 13.63 20.85 13.25
N GLY F 207 13.63 21.92 12.45
CA GLY F 207 14.06 21.83 11.08
C GLY F 207 15.41 22.51 10.87
#